data_3WAH
#
_entry.id   3WAH
#
_cell.length_a   47.518
_cell.length_b   47.518
_cell.length_c   140.893
_cell.angle_alpha   90.000
_cell.angle_beta   90.000
_cell.angle_gamma   120.000
#
_symmetry.space_group_name_H-M   'P 31'
#
loop_
_entity.id
_entity.type
_entity.pdbx_description
1 polymer 'Heme acquisition protein HasAp'
2 non-polymer Mesoheme
3 water water
#
_entity_poly.entity_id   1
_entity_poly.type   'polypeptide(L)'
_entity_poly.pdbx_seq_one_letter_code
;GSMSISISYSTTYSGWTVADYLADWSAYFGDVNHRPGQVVDGSNTGGFNPGPFDGSQYALKSTASDAAFIAGGDLHYTLF
SNPSHTLWGKLDSIALGDTLTGGASSGGYALDSQEVSFSNLGLDSPIAQGRDGTVHKVVYGLMSGDSSALQGQIDALLKA
VDPSLSINSTFDQLAAAGVAHATPAA
;
_entity_poly.pdbx_strand_id   A,B
#
# COMPACT_ATOMS: atom_id res chain seq x y z
N SER A 4 -2.30 8.76 -12.65
CA SER A 4 -3.10 8.05 -11.60
C SER A 4 -3.80 6.82 -12.19
N ILE A 5 -4.15 5.87 -11.32
CA ILE A 5 -4.97 4.74 -11.69
C ILE A 5 -6.24 5.19 -12.38
N SER A 6 -6.69 4.41 -13.37
CA SER A 6 -7.91 4.69 -14.06
C SER A 6 -8.78 3.43 -14.09
N ILE A 7 -10.01 3.57 -13.63
CA ILE A 7 -10.90 2.44 -13.49
C ILE A 7 -12.11 2.63 -14.39
N SER A 8 -12.43 1.59 -15.15
CA SER A 8 -13.65 1.57 -15.92
C SER A 8 -14.55 0.47 -15.37
N TYR A 9 -15.82 0.79 -15.17
CA TYR A 9 -16.75 -0.18 -14.62
C TYR A 9 -18.10 -0.05 -15.27
N SER A 10 -18.73 -1.19 -15.57
CA SER A 10 -20.12 -1.19 -15.99
C SER A 10 -21.03 -0.65 -14.91
N THR A 11 -22.03 0.14 -15.32
CA THR A 11 -22.98 0.71 -14.39
CA THR A 11 -23.03 0.69 -14.37
C THR A 11 -23.81 -0.39 -13.68
N THR A 12 -23.77 -1.59 -14.23
CA THR A 12 -24.30 -2.77 -13.55
C THR A 12 -23.78 -2.84 -12.08
N TYR A 13 -22.57 -2.32 -11.85
CA TYR A 13 -21.92 -2.41 -10.53
C TYR A 13 -21.90 -1.08 -9.82
N SER A 14 -22.78 -0.18 -10.27
CA SER A 14 -23.12 0.95 -9.48
C SER A 14 -23.57 0.49 -8.10
N GLY A 15 -22.98 1.11 -7.09
CA GLY A 15 -23.31 0.82 -5.73
C GLY A 15 -22.39 -0.22 -5.08
N TRP A 16 -21.65 -0.95 -5.92
CA TRP A 16 -20.68 -1.96 -5.44
C TRP A 16 -19.40 -1.29 -5.04
N THR A 17 -18.71 -1.83 -4.02
CA THR A 17 -17.34 -1.46 -3.77
C THR A 17 -16.39 -2.28 -4.66
N VAL A 18 -15.17 -1.79 -4.82
CA VAL A 18 -14.17 -2.51 -5.60
C VAL A 18 -13.93 -3.89 -4.96
N ALA A 19 -13.87 -3.91 -3.62
CA ALA A 19 -13.62 -5.14 -2.90
C ALA A 19 -14.75 -6.15 -3.10
N ASP A 20 -16.02 -5.66 -2.92
N ASP A 20 -15.98 -5.69 -3.10
CA ASP A 20 -17.26 -6.41 -3.34
CA ASP A 20 -17.09 -6.59 -3.23
C ASP A 20 -17.00 -7.14 -4.64
C ASP A 20 -17.21 -7.13 -4.69
N TYR A 21 -16.74 -6.36 -5.68
CA TYR A 21 -16.73 -6.87 -7.03
C TYR A 21 -15.62 -7.90 -7.19
N LEU A 22 -14.44 -7.60 -6.68
CA LEU A 22 -13.29 -8.50 -6.85
C LEU A 22 -13.51 -9.80 -6.11
N ALA A 23 -14.06 -9.72 -4.91
CA ALA A 23 -14.39 -10.94 -4.15
C ALA A 23 -15.41 -11.80 -4.92
N ASP A 24 -16.42 -11.15 -5.49
CA ASP A 24 -17.45 -11.83 -6.23
C ASP A 24 -16.88 -12.45 -7.56
N TRP A 25 -16.12 -11.66 -8.31
CA TRP A 25 -15.50 -12.17 -9.51
C TRP A 25 -14.61 -13.38 -9.19
N SER A 26 -13.81 -13.26 -8.13
CA SER A 26 -12.88 -14.33 -7.73
CA SER A 26 -12.88 -14.32 -7.76
C SER A 26 -13.64 -15.59 -7.34
N ALA A 27 -14.81 -15.41 -6.73
CA ALA A 27 -15.64 -16.54 -6.35
C ALA A 27 -16.09 -17.33 -7.57
N TYR A 28 -16.47 -16.61 -8.63
CA TYR A 28 -16.91 -17.26 -9.88
C TYR A 28 -15.72 -17.86 -10.64
N PHE A 29 -14.60 -17.15 -10.63
CA PHE A 29 -13.43 -17.63 -11.35
C PHE A 29 -12.84 -18.86 -10.66
N GLY A 30 -12.78 -18.82 -9.34
CA GLY A 30 -12.26 -19.95 -8.58
C GLY A 30 -10.75 -20.07 -8.69
N ASP A 31 -10.28 -21.30 -8.74
CA ASP A 31 -8.86 -21.60 -8.73
C ASP A 31 -8.61 -22.60 -9.87
N VAL A 32 -7.78 -22.21 -10.83
CA VAL A 32 -7.55 -23.09 -12.00
C VAL A 32 -6.53 -24.18 -11.69
N ASN A 33 -6.01 -24.19 -10.45
CA ASN A 33 -5.12 -25.28 -9.98
C ASN A 33 -3.84 -25.31 -10.81
N HIS A 34 -3.27 -24.12 -11.02
CA HIS A 34 -2.05 -23.98 -11.77
C HIS A 34 -0.87 -24.18 -10.83
N ARG A 35 -0.63 -25.43 -10.47
CA ARG A 35 0.27 -25.81 -9.39
C ARG A 35 1.16 -26.96 -9.84
N PRO A 36 2.22 -27.27 -9.06
CA PRO A 36 3.12 -28.30 -9.49
C PRO A 36 2.42 -29.62 -9.68
N GLY A 37 2.71 -30.28 -10.78
CA GLY A 37 2.11 -31.58 -11.09
C GLY A 37 0.72 -31.50 -11.68
N GLN A 38 0.18 -30.28 -11.80
CA GLN A 38 -1.24 -30.09 -12.15
CA GLN A 38 -1.23 -30.11 -12.16
C GLN A 38 -1.39 -29.18 -13.37
N VAL A 39 -0.27 -28.89 -14.04
CA VAL A 39 -0.30 -28.23 -15.34
C VAL A 39 0.29 -29.17 -16.40
N VAL A 40 -0.57 -29.78 -17.19
CA VAL A 40 -0.15 -30.83 -18.11
C VAL A 40 -0.62 -30.56 -19.54
N ASP A 41 -1.46 -29.55 -19.69
CA ASP A 41 -1.94 -29.14 -21.01
C ASP A 41 -2.45 -27.70 -20.96
N GLY A 42 -3.13 -27.27 -22.01
CA GLY A 42 -3.50 -25.85 -22.16
C GLY A 42 -4.78 -25.47 -21.42
N SER A 43 -5.34 -26.40 -20.64
CA SER A 43 -6.64 -26.18 -20.02
C SER A 43 -6.57 -25.19 -18.84
N ASN A 44 -5.38 -25.03 -18.27
CA ASN A 44 -5.21 -24.09 -17.13
C ASN A 44 -3.89 -23.31 -17.15
N THR A 45 -3.35 -23.08 -18.36
CA THR A 45 -2.12 -22.27 -18.52
C THR A 45 -2.42 -20.80 -18.76
N GLY A 46 -3.56 -20.53 -19.40
CA GLY A 46 -3.77 -19.26 -20.11
C GLY A 46 -2.79 -19.11 -21.26
N GLY A 47 -2.65 -17.91 -21.76
CA GLY A 47 -1.81 -17.67 -22.93
C GLY A 47 -1.38 -16.23 -23.03
N PHE A 48 -0.23 -16.03 -23.67
CA PHE A 48 0.32 -14.71 -23.93
C PHE A 48 0.01 -14.25 -25.36
N ASN A 49 -0.05 -12.95 -25.54
CA ASN A 49 -0.02 -12.33 -26.87
C ASN A 49 1.21 -11.42 -26.98
N PRO A 50 2.19 -11.81 -27.83
CA PRO A 50 2.11 -12.87 -28.84
C PRO A 50 2.49 -14.26 -28.30
N GLY A 51 3.18 -14.30 -27.16
CA GLY A 51 3.63 -15.58 -26.58
C GLY A 51 4.81 -16.17 -27.30
N PRO A 52 5.25 -17.39 -26.88
CA PRO A 52 4.51 -18.27 -25.95
C PRO A 52 4.65 -17.86 -24.48
N PHE A 53 5.71 -17.13 -24.15
CA PHE A 53 6.10 -16.87 -22.74
C PHE A 53 6.22 -15.38 -22.40
N ASP A 54 5.93 -14.53 -23.40
CA ASP A 54 6.11 -13.08 -23.26
C ASP A 54 5.05 -12.40 -24.06
N GLY A 55 4.57 -11.25 -23.59
CA GLY A 55 3.57 -10.54 -24.32
C GLY A 55 3.14 -9.22 -23.75
N SER A 56 2.39 -8.48 -24.55
CA SER A 56 1.70 -7.30 -24.10
C SER A 56 0.43 -7.67 -23.35
N GLN A 57 -0.04 -8.92 -23.52
CA GLN A 57 -1.19 -9.44 -22.76
C GLN A 57 -0.94 -10.84 -22.30
N TYR A 58 -1.46 -11.16 -21.11
CA TYR A 58 -1.68 -12.52 -20.68
C TYR A 58 -3.13 -12.66 -20.33
N ALA A 59 -3.77 -13.74 -20.82
CA ALA A 59 -5.19 -13.95 -20.59
C ALA A 59 -5.48 -15.37 -20.10
N LEU A 60 -6.49 -15.50 -19.23
CA LEU A 60 -6.83 -16.80 -18.68
C LEU A 60 -8.30 -16.86 -18.40
N LYS A 61 -8.94 -17.96 -18.84
CA LYS A 61 -10.31 -18.25 -18.44
C LYS A 61 -10.34 -19.27 -17.31
N SER A 62 -11.32 -19.10 -16.44
CA SER A 62 -11.66 -20.06 -15.38
C SER A 62 -11.87 -21.47 -15.95
N THR A 63 -11.59 -22.49 -15.14
CA THR A 63 -11.98 -23.85 -15.47
C THR A 63 -13.28 -24.27 -14.74
N ALA A 64 -13.82 -23.35 -13.94
CA ALA A 64 -15.09 -23.60 -13.18
C ALA A 64 -16.27 -22.85 -13.80
N SER A 65 -15.97 -21.71 -14.42
CA SER A 65 -16.98 -20.91 -15.05
C SER A 65 -16.37 -20.30 -16.30
N ASP A 66 -17.06 -19.32 -16.89
CA ASP A 66 -16.50 -18.59 -18.02
C ASP A 66 -15.95 -17.23 -17.62
N ALA A 67 -15.81 -17.00 -16.32
CA ALA A 67 -15.06 -15.81 -15.83
C ALA A 67 -13.66 -15.83 -16.40
N ALA A 68 -13.13 -14.64 -16.68
CA ALA A 68 -11.83 -14.53 -17.29
C ALA A 68 -11.20 -13.21 -16.96
N PHE A 69 -9.89 -13.11 -17.13
CA PHE A 69 -9.20 -11.84 -17.02
C PHE A 69 -8.10 -11.70 -18.04
N ILE A 70 -7.72 -10.45 -18.29
CA ILE A 70 -6.58 -10.13 -19.11
C ILE A 70 -5.68 -9.17 -18.38
N ALA A 71 -4.41 -9.54 -18.28
CA ALA A 71 -3.38 -8.65 -17.78
C ALA A 71 -2.65 -8.01 -18.97
N GLY A 72 -2.44 -6.71 -18.91
CA GLY A 72 -1.78 -5.98 -20.01
C GLY A 72 -0.58 -5.23 -19.55
N GLY A 73 0.43 -5.15 -20.40
CA GLY A 73 1.61 -4.37 -20.11
C GLY A 73 2.79 -4.83 -20.94
N ASP A 74 3.86 -5.19 -20.26
CA ASP A 74 5.06 -5.73 -20.89
C ASP A 74 5.55 -6.88 -20.01
N LEU A 75 5.06 -8.08 -20.32
CA LEU A 75 5.00 -9.16 -19.35
C LEU A 75 5.82 -10.34 -19.80
N HIS A 76 6.40 -11.05 -18.83
CA HIS A 76 7.40 -12.09 -19.11
C HIS A 76 7.29 -13.20 -18.11
N TYR A 77 7.25 -14.42 -18.59
CA TYR A 77 7.14 -15.59 -17.74
C TYR A 77 8.38 -16.43 -17.87
N THR A 78 8.98 -16.80 -16.74
CA THR A 78 10.28 -17.47 -16.76
C THR A 78 10.14 -19.00 -17.04
N LEU A 79 8.93 -19.53 -16.87
CA LEU A 79 8.67 -21.00 -16.97
C LEU A 79 9.73 -21.80 -16.15
N PHE A 80 10.65 -22.50 -16.83
CA PHE A 80 11.61 -23.39 -16.13
C PHE A 80 12.98 -22.73 -15.90
N SER A 81 13.13 -21.49 -16.32
CA SER A 81 14.36 -20.74 -16.07
C SER A 81 14.27 -20.01 -14.74
N ASN A 82 15.41 -19.60 -14.22
CA ASN A 82 15.48 -19.01 -12.89
C ASN A 82 15.14 -17.50 -12.92
N PRO A 83 14.33 -17.03 -11.96
CA PRO A 83 13.63 -17.83 -10.97
C PRO A 83 12.39 -18.45 -11.55
N SER A 84 12.18 -19.73 -11.28
CA SER A 84 11.22 -20.51 -12.03
C SER A 84 9.81 -20.00 -11.82
N HIS A 85 8.98 -20.17 -12.86
CA HIS A 85 7.55 -19.89 -12.76
C HIS A 85 7.28 -18.52 -12.12
N THR A 86 7.95 -17.50 -12.65
CA THR A 86 7.76 -16.13 -12.23
C THR A 86 7.22 -15.30 -13.38
N LEU A 87 6.09 -14.62 -13.15
CA LEU A 87 5.64 -13.57 -14.05
C LEU A 87 6.17 -12.25 -13.56
N TRP A 88 6.89 -11.54 -14.44
CA TRP A 88 7.48 -10.25 -14.08
C TRP A 88 7.37 -9.27 -15.25
N GLY A 89 7.80 -8.03 -15.03
CA GLY A 89 7.73 -7.00 -16.04
C GLY A 89 6.82 -5.88 -15.62
N LYS A 90 6.25 -5.20 -16.61
CA LYS A 90 5.41 -4.06 -16.36
C LYS A 90 3.94 -4.46 -16.48
N LEU A 91 3.18 -4.25 -15.41
CA LEU A 91 1.76 -4.49 -15.43
C LEU A 91 1.01 -3.16 -15.46
N ASP A 92 0.38 -2.87 -16.59
CA ASP A 92 -0.37 -1.63 -16.76
C ASP A 92 -1.84 -1.82 -16.41
N SER A 93 -2.42 -2.98 -16.75
CA SER A 93 -3.85 -3.15 -16.62
C SER A 93 -4.26 -4.55 -16.24
N ILE A 94 -5.40 -4.63 -15.54
CA ILE A 94 -6.13 -5.86 -15.32
C ILE A 94 -7.58 -5.63 -15.71
N ALA A 95 -8.09 -6.45 -16.63
CA ALA A 95 -9.45 -6.39 -17.07
C ALA A 95 -10.16 -7.67 -16.68
N LEU A 96 -11.35 -7.54 -16.07
CA LEU A 96 -12.09 -8.67 -15.53
CA LEU A 96 -12.07 -8.68 -15.55
C LEU A 96 -13.46 -8.77 -16.20
N GLY A 97 -13.90 -9.98 -16.47
CA GLY A 97 -15.22 -10.18 -17.03
C GLY A 97 -15.52 -11.60 -17.34
N ASP A 98 -16.20 -11.80 -18.46
CA ASP A 98 -16.71 -13.10 -18.81
CA ASP A 98 -16.80 -13.08 -18.81
C ASP A 98 -16.43 -13.42 -20.25
N THR A 99 -15.79 -14.58 -20.45
CA THR A 99 -15.54 -15.19 -21.78
C THR A 99 -14.45 -14.46 -22.59
N LEU A 100 -13.34 -15.15 -22.83
CA LEU A 100 -12.27 -14.63 -23.62
C LEU A 100 -12.54 -14.79 -25.09
N THR A 101 -12.08 -13.83 -25.86
CA THR A 101 -12.04 -13.95 -27.28
C THR A 101 -10.71 -13.43 -27.84
N GLY A 102 -10.42 -13.75 -29.09
CA GLY A 102 -9.23 -13.25 -29.76
C GLY A 102 -8.00 -14.07 -29.45
N GLY A 103 -6.83 -13.43 -29.52
CA GLY A 103 -5.55 -14.12 -29.33
C GLY A 103 -4.42 -13.44 -30.09
N ALA A 104 -3.26 -14.06 -30.08
CA ALA A 104 -2.12 -13.57 -30.87
C ALA A 104 -2.53 -13.37 -32.34
N SER A 105 -3.28 -14.33 -32.87
CA SER A 105 -3.62 -14.36 -34.30
C SER A 105 -5.01 -13.78 -34.55
N SER A 106 -5.42 -12.81 -33.74
CA SER A 106 -6.74 -12.16 -33.90
C SER A 106 -6.68 -10.64 -33.62
N GLY A 107 -5.48 -10.11 -33.39
CA GLY A 107 -5.30 -8.69 -33.07
C GLY A 107 -5.15 -8.42 -31.57
N GLY A 108 -5.25 -9.49 -30.77
CA GLY A 108 -5.14 -9.36 -29.32
C GLY A 108 -6.31 -10.03 -28.61
N TYR A 109 -6.16 -10.24 -27.30
CA TYR A 109 -7.22 -10.80 -26.49
C TYR A 109 -8.22 -9.74 -26.10
N ALA A 110 -9.48 -10.16 -25.94
CA ALA A 110 -10.51 -9.30 -25.36
C ALA A 110 -11.51 -10.13 -24.59
N LEU A 111 -12.35 -9.45 -23.83
CA LEU A 111 -13.43 -10.09 -23.11
C LEU A 111 -14.74 -9.80 -23.83
N ASP A 112 -15.59 -10.83 -23.97
CA ASP A 112 -16.91 -10.62 -24.55
C ASP A 112 -17.75 -9.70 -23.67
N SER A 113 -17.68 -9.90 -22.37
CA SER A 113 -18.25 -8.97 -21.40
C SER A 113 -17.17 -8.49 -20.50
N GLN A 114 -16.76 -7.24 -20.68
CA GLN A 114 -15.78 -6.65 -19.79
C GLN A 114 -16.48 -5.84 -18.72
N GLU A 115 -16.38 -6.31 -17.49
CA GLU A 115 -17.18 -5.79 -16.39
C GLU A 115 -16.47 -4.62 -15.71
N VAL A 116 -15.19 -4.82 -15.39
CA VAL A 116 -14.39 -3.81 -14.69
C VAL A 116 -12.98 -3.91 -15.20
N SER A 117 -12.32 -2.77 -15.36
CA SER A 117 -10.90 -2.77 -15.64
C SER A 117 -10.14 -1.72 -14.83
N PHE A 118 -8.91 -2.05 -14.53
CA PHE A 118 -8.01 -1.17 -13.80
C PHE A 118 -6.80 -0.93 -14.66
N SER A 119 -6.58 0.32 -15.04
CA SER A 119 -5.46 0.65 -15.93
CA SER A 119 -5.49 0.68 -15.97
C SER A 119 -4.57 1.73 -15.36
N ASN A 120 -3.43 1.97 -16.04
CA ASN A 120 -2.42 2.85 -15.51
CA ASN A 120 -2.37 2.83 -15.51
C ASN A 120 -1.96 2.43 -14.09
N LEU A 121 -1.74 1.14 -13.90
CA LEU A 121 -1.38 0.61 -12.60
C LEU A 121 0.05 0.98 -12.23
N GLY A 122 0.89 1.16 -13.24
CA GLY A 122 2.26 1.65 -13.03
C GLY A 122 3.15 0.68 -12.28
N LEU A 123 2.81 -0.61 -12.33
CA LEU A 123 3.57 -1.62 -11.62
C LEU A 123 4.70 -2.13 -12.50
N ASP A 124 5.88 -2.21 -11.92
CA ASP A 124 7.04 -2.76 -12.60
C ASP A 124 7.81 -3.63 -11.63
N SER A 125 7.79 -4.94 -11.88
CA SER A 125 8.50 -5.88 -11.05
C SER A 125 9.66 -6.49 -11.82
N PRO A 126 10.89 -6.30 -11.32
CA PRO A 126 12.07 -6.85 -11.96
C PRO A 126 12.16 -8.35 -11.77
N ILE A 127 12.82 -9.02 -12.69
CA ILE A 127 12.97 -10.45 -12.60
C ILE A 127 13.67 -10.87 -11.28
N ALA A 128 14.54 -10.01 -10.76
CA ALA A 128 15.34 -10.35 -9.57
C ALA A 128 14.46 -10.61 -8.31
N GLN A 129 13.23 -10.08 -8.31
CA GLN A 129 12.31 -10.25 -7.16
C GLN A 129 11.62 -11.62 -7.17
N GLY A 130 11.75 -12.36 -8.28
CA GLY A 130 11.14 -13.66 -8.40
C GLY A 130 9.64 -13.59 -8.11
N ARG A 131 9.12 -14.62 -7.44
CA ARG A 131 7.70 -14.71 -7.19
C ARG A 131 7.22 -13.76 -6.08
N ASP A 132 8.16 -13.07 -5.44
CA ASP A 132 7.81 -12.06 -4.45
C ASP A 132 7.54 -10.69 -5.10
N GLY A 133 7.75 -10.59 -6.40
CA GLY A 133 7.38 -9.39 -7.13
C GLY A 133 5.87 -9.16 -7.10
N THR A 134 5.47 -7.90 -7.09
CA THR A 134 4.07 -7.55 -7.00
C THR A 134 3.28 -8.05 -8.22
N VAL A 135 3.87 -7.93 -9.40
CA VAL A 135 3.22 -8.37 -10.61
C VAL A 135 2.88 -9.86 -10.52
N HIS A 136 3.84 -10.66 -10.07
CA HIS A 136 3.62 -12.08 -9.96
C HIS A 136 2.50 -12.36 -8.96
N LYS A 137 2.56 -11.72 -7.81
CA LYS A 137 1.59 -11.97 -6.76
C LYS A 137 0.19 -11.58 -7.20
N VAL A 138 0.08 -10.47 -7.90
CA VAL A 138 -1.20 -10.01 -8.37
C VAL A 138 -1.83 -11.03 -9.33
N VAL A 139 -1.08 -11.41 -10.34
CA VAL A 139 -1.64 -12.24 -11.37
C VAL A 139 -1.80 -13.71 -10.91
N TYR A 140 -0.77 -14.27 -10.25
CA TYR A 140 -0.91 -15.64 -9.76
C TYR A 140 -2.04 -15.75 -8.72
N GLY A 141 -2.21 -14.70 -7.91
CA GLY A 141 -3.38 -14.61 -7.02
C GLY A 141 -4.69 -14.80 -7.75
N LEU A 142 -4.88 -14.04 -8.83
CA LEU A 142 -6.10 -14.15 -9.61
C LEU A 142 -6.28 -15.55 -10.17
N MET A 143 -5.17 -16.16 -10.60
CA MET A 143 -5.22 -17.50 -11.18
C MET A 143 -5.66 -18.52 -10.16
N SER A 144 -5.35 -18.25 -8.89
CA SER A 144 -5.46 -19.27 -7.85
CA SER A 144 -5.44 -19.25 -7.81
C SER A 144 -6.58 -18.94 -6.85
N GLY A 145 -7.43 -17.98 -7.20
CA GLY A 145 -8.65 -17.69 -6.43
C GLY A 145 -8.42 -16.81 -5.22
N ASP A 146 -7.39 -15.97 -5.31
CA ASP A 146 -7.04 -15.07 -4.21
C ASP A 146 -6.70 -13.70 -4.78
N SER A 147 -7.67 -12.80 -4.80
CA SER A 147 -7.47 -11.47 -5.37
C SER A 147 -6.89 -10.44 -4.35
N SER A 148 -6.36 -10.94 -3.23
CA SER A 148 -5.85 -10.06 -2.14
CA SER A 148 -5.91 -10.05 -2.15
C SER A 148 -4.76 -9.13 -2.64
N ALA A 149 -3.82 -9.67 -3.42
CA ALA A 149 -2.70 -8.87 -3.89
C ALA A 149 -3.17 -7.73 -4.82
N LEU A 150 -4.06 -8.06 -5.77
CA LEU A 150 -4.64 -7.07 -6.61
C LEU A 150 -5.37 -6.01 -5.78
N GLN A 151 -6.19 -6.47 -4.86
CA GLN A 151 -6.96 -5.55 -3.97
C GLN A 151 -6.02 -4.60 -3.25
N GLY A 152 -4.93 -5.13 -2.70
CA GLY A 152 -3.97 -4.30 -1.95
C GLY A 152 -3.31 -3.25 -2.83
N GLN A 153 -2.93 -3.63 -4.04
CA GLN A 153 -2.28 -2.71 -4.95
CA GLN A 153 -2.30 -2.70 -4.98
C GLN A 153 -3.26 -1.61 -5.40
N ILE A 154 -4.49 -1.98 -5.70
CA ILE A 154 -5.47 -1.01 -6.10
C ILE A 154 -5.72 -0.04 -4.95
N ASP A 155 -5.84 -0.58 -3.75
CA ASP A 155 -6.08 0.24 -2.58
C ASP A 155 -4.97 1.27 -2.42
N ALA A 156 -3.72 0.83 -2.56
CA ALA A 156 -2.56 1.74 -2.44
C ALA A 156 -2.55 2.80 -3.52
N LEU A 157 -2.89 2.41 -4.74
CA LEU A 157 -2.97 3.37 -5.82
C LEU A 157 -4.08 4.41 -5.61
N LEU A 158 -5.21 3.97 -5.06
CA LEU A 158 -6.32 4.89 -4.80
C LEU A 158 -5.96 5.87 -3.69
N LYS A 159 -5.29 5.38 -2.66
CA LYS A 159 -4.93 6.23 -1.54
C LYS A 159 -3.84 7.22 -1.94
N ALA A 160 -3.05 6.85 -2.96
CA ALA A 160 -2.04 7.76 -3.53
C ALA A 160 -2.70 8.99 -4.17
N VAL A 161 -3.92 8.81 -4.69
CA VAL A 161 -4.70 9.91 -5.24
C VAL A 161 -5.31 10.74 -4.12
N ASP A 162 -5.96 10.07 -3.19
CA ASP A 162 -6.45 10.72 -1.98
C ASP A 162 -6.63 9.69 -0.88
N PRO A 163 -6.21 10.02 0.34
CA PRO A 163 -6.22 9.06 1.44
C PRO A 163 -7.65 8.60 1.86
N SER A 164 -8.68 9.30 1.36
CA SER A 164 -10.07 8.94 1.67
C SER A 164 -10.62 7.86 0.71
N LEU A 165 -9.87 7.56 -0.34
CA LEU A 165 -10.30 6.58 -1.32
C LEU A 165 -9.80 5.18 -0.94
N SER A 166 -10.52 4.17 -1.40
CA SER A 166 -10.35 2.80 -0.87
C SER A 166 -10.92 1.78 -1.85
N ILE A 167 -10.48 0.53 -1.74
CA ILE A 167 -11.22 -0.55 -2.35
C ILE A 167 -12.58 -0.80 -1.64
N ASN A 168 -12.76 -0.19 -0.47
CA ASN A 168 -14.10 -0.16 0.18
C ASN A 168 -14.95 1.03 -0.30
N SER A 169 -14.39 1.84 -1.19
CA SER A 169 -15.19 2.87 -1.90
C SER A 169 -16.08 2.21 -2.94
N THR A 170 -17.27 2.77 -3.15
CA THR A 170 -18.08 2.39 -4.29
C THR A 170 -17.41 2.88 -5.56
N PHE A 171 -17.64 2.17 -6.65
CA PHE A 171 -17.17 2.64 -7.95
C PHE A 171 -17.66 4.06 -8.22
N ASP A 172 -18.89 4.33 -7.81
CA ASP A 172 -19.51 5.65 -7.99
C ASP A 172 -18.70 6.77 -7.29
N GLN A 173 -18.26 6.52 -6.06
CA GLN A 173 -17.41 7.45 -5.34
C GLN A 173 -16.07 7.67 -6.07
N LEU A 174 -15.51 6.60 -6.61
CA LEU A 174 -14.28 6.70 -7.31
C LEU A 174 -14.46 7.50 -8.61
N ALA A 175 -15.63 7.41 -9.21
CA ALA A 175 -15.97 8.24 -10.39
C ALA A 175 -16.09 9.72 -9.99
N ALA A 176 -16.74 9.98 -8.88
CA ALA A 176 -16.85 11.36 -8.34
C ALA A 176 -15.46 11.94 -8.07
N ALA A 177 -14.52 11.09 -7.64
CA ALA A 177 -13.16 11.51 -7.36
C ALA A 177 -12.30 11.70 -8.65
N GLY A 178 -12.82 11.26 -9.78
CA GLY A 178 -12.16 11.45 -11.08
C GLY A 178 -11.25 10.28 -11.48
N VAL A 179 -11.32 9.19 -10.74
CA VAL A 179 -10.44 8.02 -10.97
C VAL A 179 -11.16 6.93 -11.80
N ALA A 180 -12.47 6.91 -11.71
CA ALA A 180 -13.26 5.87 -12.35
C ALA A 180 -14.24 6.45 -13.35
N HIS A 181 -14.65 5.61 -14.27
CA HIS A 181 -15.53 6.00 -15.36
C HIS A 181 -16.54 4.90 -15.60
N ALA A 182 -17.82 5.26 -15.54
CA ALA A 182 -18.90 4.31 -15.75
C ALA A 182 -19.12 4.04 -17.22
N THR A 183 -19.32 2.78 -17.54
CA THR A 183 -19.64 2.36 -18.90
C THR A 183 -21.03 1.69 -18.89
N PRO A 184 -21.63 1.50 -20.08
CA PRO A 184 -23.02 1.07 -20.12
C PRO A 184 -23.28 -0.31 -19.46
N ALA A 185 -24.54 -0.57 -19.16
CA ALA A 185 -24.94 -1.78 -18.44
C ALA A 185 -24.47 -3.04 -19.14
N ALA A 186 -24.17 -4.06 -18.36
CA ALA A 186 -23.51 -5.27 -18.86
C ALA A 186 -24.56 -6.31 -19.26
N SER B 4 8.98 25.62 18.65
CA SER B 4 9.49 25.06 17.37
C SER B 4 9.65 23.52 17.45
N ILE B 5 9.69 22.88 16.30
CA ILE B 5 10.00 21.46 16.22
C ILE B 5 11.31 21.15 16.92
N SER B 6 11.36 20.01 17.60
CA SER B 6 12.55 19.53 18.24
C SER B 6 12.89 18.14 17.76
N ILE B 7 14.13 17.96 17.30
CA ILE B 7 14.56 16.70 16.75
C ILE B 7 15.69 16.12 17.59
N SER B 8 15.54 14.84 17.96
CA SER B 8 16.62 14.10 18.58
CA SER B 8 16.63 14.10 18.58
C SER B 8 17.10 13.01 17.63
N TYR B 9 18.41 12.88 17.48
CA TYR B 9 18.96 11.87 16.59
C TYR B 9 20.22 11.27 17.16
N SER B 10 20.35 9.97 17.03
CA SER B 10 21.61 9.31 17.34
C SER B 10 22.73 9.80 16.43
N THR B 11 23.92 10.00 17.02
CA THR B 11 25.08 10.47 16.28
CA THR B 11 25.10 10.45 16.25
C THR B 11 25.48 9.46 15.19
N THR B 12 24.98 8.24 15.30
CA THR B 12 25.10 7.24 14.23
C THR B 12 24.68 7.85 12.87
N TYR B 13 23.75 8.80 12.90
CA TYR B 13 23.19 9.38 11.67
C TYR B 13 23.70 10.78 11.45
N SER B 14 24.84 11.10 12.07
CA SER B 14 25.59 12.23 11.70
C SER B 14 25.95 12.14 10.21
N GLY B 15 25.70 13.22 9.51
CA GLY B 15 25.99 13.30 8.11
C GLY B 15 24.79 12.93 7.22
N TRP B 16 23.76 12.31 7.82
CA TRP B 16 22.53 11.95 7.08
C TRP B 16 21.63 13.13 7.02
N THR B 17 20.86 13.24 5.93
CA THR B 17 19.72 14.14 5.91
C THR B 17 18.51 13.47 6.54
N VAL B 18 17.55 14.29 6.95
CA VAL B 18 16.29 13.78 7.50
C VAL B 18 15.61 12.89 6.46
N ALA B 19 15.61 13.34 5.20
CA ALA B 19 14.98 12.60 4.13
C ALA B 19 15.66 11.24 3.91
N ASP B 20 17.00 11.24 3.91
CA ASP B 20 17.68 10.01 3.75
CA ASP B 20 17.86 9.96 3.89
C ASP B 20 17.36 9.01 4.89
N TYR B 21 17.29 9.48 6.12
CA TYR B 21 16.99 8.59 7.23
C TYR B 21 15.56 8.03 7.10
N LEU B 22 14.60 8.90 6.80
CA LEU B 22 13.20 8.49 6.74
C LEU B 22 12.95 7.53 5.61
N ALA B 23 13.58 7.78 4.46
CA ALA B 23 13.49 6.86 3.33
C ALA B 23 14.08 5.48 3.70
N ASP B 24 15.21 5.49 4.39
CA ASP B 24 15.88 4.27 4.81
C ASP B 24 15.02 3.50 5.88
N TRP B 25 14.57 4.22 6.90
CA TRP B 25 13.72 3.62 7.91
C TRP B 25 12.47 2.99 7.25
N SER B 26 11.83 3.73 6.36
CA SER B 26 10.61 3.27 5.70
CA SER B 26 10.61 3.27 5.72
C SER B 26 10.88 2.03 4.84
N ALA B 27 12.07 1.96 4.26
CA ALA B 27 12.46 0.80 3.48
C ALA B 27 12.52 -0.46 4.34
N TYR B 28 13.07 -0.32 5.56
CA TYR B 28 13.15 -1.45 6.50
C TYR B 28 11.79 -1.80 7.06
N PHE B 29 10.98 -0.78 7.34
CA PHE B 29 9.70 -1.01 7.93
C PHE B 29 8.75 -1.65 6.93
N GLY B 30 8.78 -1.17 5.70
CA GLY B 30 7.95 -1.69 4.65
C GLY B 30 6.51 -1.27 4.81
N ASP B 31 5.60 -2.19 4.50
CA ASP B 31 4.16 -1.93 4.49
C ASP B 31 3.49 -3.07 5.25
N VAL B 32 2.79 -2.76 6.34
CA VAL B 32 2.17 -3.82 7.17
C VAL B 32 0.85 -4.29 6.58
N ASN B 33 0.45 -3.71 5.44
CA ASN B 33 -0.74 -4.18 4.71
C ASN B 33 -1.99 -4.00 5.55
N HIS B 34 -2.09 -2.84 6.18
CA HIS B 34 -3.22 -2.49 6.99
C HIS B 34 -4.32 -1.92 6.10
N ARG B 35 -4.99 -2.81 5.39
CA ARG B 35 -5.89 -2.45 4.28
C ARG B 35 -7.17 -3.27 4.40
N PRO B 36 -8.23 -2.86 3.64
CA PRO B 36 -9.48 -3.58 3.74
C PRO B 36 -9.31 -5.06 3.44
N GLY B 37 -9.87 -5.88 4.31
CA GLY B 37 -9.83 -7.33 4.14
C GLY B 37 -8.53 -7.97 4.61
N GLN B 38 -7.59 -7.15 5.08
CA GLN B 38 -6.24 -7.63 5.38
CA GLN B 38 -6.25 -7.66 5.40
C GLN B 38 -5.84 -7.31 6.83
N VAL B 39 -6.82 -6.87 7.63
CA VAL B 39 -6.63 -6.73 9.09
C VAL B 39 -7.60 -7.68 9.81
N VAL B 40 -7.08 -8.80 10.28
CA VAL B 40 -7.91 -9.86 10.84
C VAL B 40 -7.46 -10.26 12.24
N ASP B 41 -6.33 -9.71 12.68
CA ASP B 41 -5.82 -9.96 14.03
C ASP B 41 -4.82 -8.88 14.41
N GLY B 42 -4.11 -9.09 15.53
CA GLY B 42 -3.23 -8.05 16.10
C GLY B 42 -1.85 -7.96 15.43
N SER B 43 -1.64 -8.72 14.36
CA SER B 43 -0.32 -8.80 13.75
C SER B 43 0.05 -7.52 12.97
N ASN B 44 -0.95 -6.75 12.56
CA ASN B 44 -0.69 -5.52 11.80
C ASN B 44 -1.63 -4.36 12.18
N THR B 45 -2.12 -4.38 13.42
CA THR B 45 -2.97 -3.27 13.94
C THR B 45 -2.16 -2.17 14.62
N GLY B 46 -1.03 -2.55 15.24
CA GLY B 46 -0.44 -1.76 16.31
C GLY B 46 -1.37 -1.65 17.50
N GLY B 47 -1.10 -0.71 18.38
CA GLY B 47 -1.85 -0.59 19.61
C GLY B 47 -1.75 0.78 20.21
N PHE B 48 -2.80 1.18 20.93
CA PHE B 48 -2.83 2.44 21.67
C PHE B 48 -2.49 2.25 23.14
N ASN B 49 -1.96 3.31 23.74
CA ASN B 49 -1.84 3.41 25.20
C ASN B 49 -2.63 4.61 25.68
N PRO B 50 -3.74 4.37 26.42
CA PRO B 50 -4.14 3.08 27.00
C PRO B 50 -4.95 2.19 26.05
N GLY B 51 -5.54 2.77 25.03
CA GLY B 51 -6.37 2.01 24.08
C GLY B 51 -7.75 1.69 24.65
N PRO B 52 -8.56 0.93 23.89
CA PRO B 52 -8.13 0.22 22.67
C PRO B 52 -8.03 1.10 21.41
N PHE B 53 -8.72 2.24 21.41
CA PHE B 53 -8.90 3.07 20.19
C PHE B 53 -8.45 4.53 20.38
N ASP B 54 -7.92 4.83 21.56
CA ASP B 54 -7.56 6.19 21.93
C ASP B 54 -6.35 6.14 22.83
N GLY B 55 -5.47 7.11 22.73
CA GLY B 55 -4.35 7.12 23.60
C GLY B 55 -3.43 8.31 23.48
N SER B 56 -2.52 8.41 24.44
CA SER B 56 -1.42 9.34 24.35
C SER B 56 -0.32 8.79 23.43
N GLN B 57 -0.34 7.47 23.18
CA GLN B 57 0.60 6.86 22.20
C GLN B 57 -0.12 5.88 21.32
N TYR B 58 0.31 5.81 20.06
CA TYR B 58 0.05 4.69 19.21
C TYR B 58 1.36 4.13 18.74
N ALA B 59 1.53 2.80 18.79
CA ALA B 59 2.79 2.17 18.42
C ALA B 59 2.56 0.99 17.46
N LEU B 60 3.51 0.79 16.55
CA LEU B 60 3.39 -0.28 15.58
C LEU B 60 4.76 -0.79 15.18
N LYS B 61 4.91 -2.12 15.18
CA LYS B 61 6.10 -2.74 14.63
C LYS B 61 5.83 -3.26 13.23
N SER B 62 6.86 -3.20 12.41
CA SER B 62 6.89 -3.80 11.08
C SER B 62 6.54 -5.29 11.13
N THR B 63 5.97 -5.80 10.04
CA THR B 63 5.80 -7.24 9.88
C THR B 63 6.90 -7.83 9.00
N ALA B 64 7.80 -6.98 8.51
CA ALA B 64 8.91 -7.42 7.63
C ALA B 64 10.25 -7.40 8.38
N SER B 65 10.36 -6.50 9.36
CA SER B 65 11.55 -6.38 10.14
C SER B 65 11.12 -6.03 11.56
N ASP B 66 12.08 -5.62 12.39
CA ASP B 66 11.75 -5.14 13.74
C ASP B 66 11.77 -3.63 13.83
N ALA B 67 11.80 -2.94 12.69
CA ALA B 67 11.57 -1.49 12.66
C ALA B 67 10.23 -1.17 13.29
N ALA B 68 10.18 -0.05 14.00
CA ALA B 68 8.95 0.33 14.71
C ALA B 68 8.87 1.83 14.85
N PHE B 69 7.67 2.32 15.13
CA PHE B 69 7.51 3.72 15.49
C PHE B 69 6.47 3.92 16.56
N ILE B 70 6.57 5.06 17.23
CA ILE B 70 5.58 5.47 18.19
C ILE B 70 5.13 6.89 17.89
N ALA B 71 3.83 7.06 17.76
CA ALA B 71 3.22 8.37 17.65
C ALA B 71 2.71 8.79 19.01
N GLY B 72 3.01 10.03 19.41
CA GLY B 72 2.58 10.56 20.72
C GLY B 72 1.77 11.80 20.61
N GLY B 73 0.80 11.95 21.50
CA GLY B 73 -0.01 13.16 21.54
C GLY B 73 -1.31 12.92 22.24
N ASP B 74 -2.39 13.23 21.56
CA ASP B 74 -3.74 12.99 22.06
C ASP B 74 -4.56 12.47 20.90
N LEU B 75 -4.56 11.14 20.75
CA LEU B 75 -4.84 10.50 19.47
C LEU B 75 -6.08 9.62 19.56
N HIS B 76 -6.79 9.53 18.45
CA HIS B 76 -8.11 8.90 18.43
C HIS B 76 -8.36 8.23 17.11
N TYR B 77 -8.79 6.99 17.17
CA TYR B 77 -9.07 6.20 15.98
C TYR B 77 -10.55 5.89 15.90
N THR B 78 -11.15 6.15 14.76
CA THR B 78 -12.61 6.03 14.63
C THR B 78 -13.06 4.58 14.39
N LEU B 79 -12.14 3.72 13.96
CA LEU B 79 -12.44 2.33 13.57
C LEU B 79 -13.66 2.30 12.59
N PHE B 80 -14.81 1.77 13.06
CA PHE B 80 -15.97 1.61 12.16
C PHE B 80 -16.98 2.75 12.26
N SER B 81 -16.68 3.74 13.09
CA SER B 81 -17.54 4.92 13.18
C SER B 81 -17.10 5.98 12.16
N ASN B 82 -17.99 6.91 11.86
CA ASN B 82 -17.75 7.89 10.79
C ASN B 82 -16.91 9.07 11.31
N PRO B 83 -15.92 9.51 10.52
CA PRO B 83 -15.46 8.89 9.27
C PRO B 83 -14.59 7.69 9.55
N SER B 84 -14.83 6.59 8.85
CA SER B 84 -14.28 5.31 9.26
C SER B 84 -12.77 5.29 9.13
N HIS B 85 -12.13 4.51 9.99
CA HIS B 85 -10.70 4.26 9.90
C HIS B 85 -9.90 5.56 9.72
N THR B 86 -10.20 6.52 10.59
CA THR B 86 -9.48 7.78 10.65
C THR B 86 -8.75 7.90 11.97
N LEU B 87 -7.44 8.18 11.91
CA LEU B 87 -6.69 8.63 13.07
C LEU B 87 -6.67 10.13 13.08
N TRP B 88 -7.14 10.72 14.17
CA TRP B 88 -7.19 12.19 14.30
C TRP B 88 -6.80 12.63 15.71
N GLY B 89 -6.72 13.92 15.93
CA GLY B 89 -6.36 14.47 17.22
C GLY B 89 -5.07 15.24 17.16
N LYS B 90 -4.36 15.28 18.28
CA LYS B 90 -3.15 16.05 18.38
C LYS B 90 -1.94 15.12 18.27
N LEU B 91 -1.08 15.40 17.30
CA LEU B 91 0.15 14.65 17.15
C LEU B 91 1.33 15.52 17.54
N ASP B 92 1.95 15.18 18.66
CA ASP B 92 3.08 15.93 19.18
C ASP B 92 4.40 15.35 18.70
N SER B 93 4.48 14.01 18.60
CA SER B 93 5.77 13.38 18.34
C SER B 93 5.65 12.14 17.49
N ILE B 94 6.72 11.88 16.73
CA ILE B 94 6.95 10.59 16.08
C ILE B 94 8.36 10.14 16.43
N ALA B 95 8.46 8.93 16.99
CA ALA B 95 9.73 8.34 17.34
C ALA B 95 9.95 7.09 16.49
N LEU B 96 11.14 6.99 15.89
CA LEU B 96 11.46 5.91 14.94
CA LEU B 96 11.44 5.90 14.98
C LEU B 96 12.65 5.11 15.45
N GLY B 97 12.59 3.80 15.30
CA GLY B 97 13.70 2.96 15.65
C GLY B 97 13.44 1.52 15.46
N ASP B 98 13.93 0.72 16.41
CA ASP B 98 13.89 -0.70 16.29
CA ASP B 98 14.00 -0.74 16.27
C ASP B 98 13.45 -1.38 17.55
N THR B 99 12.43 -2.23 17.40
CA THR B 99 11.88 -3.11 18.46
C THR B 99 11.08 -2.35 19.54
N LEU B 100 9.78 -2.61 19.59
CA LEU B 100 8.92 -2.02 20.57
C LEU B 100 9.01 -2.76 21.89
N THR B 101 8.86 -2.00 22.96
CA THR B 101 8.69 -2.57 24.27
C THR B 101 7.61 -1.79 25.05
N GLY B 102 7.16 -2.35 26.17
CA GLY B 102 6.14 -1.70 27.00
C GLY B 102 4.73 -1.97 26.49
N GLY B 103 3.78 -1.14 26.93
CA GLY B 103 2.38 -1.24 26.46
C GLY B 103 1.36 -0.93 27.54
N ALA B 104 1.61 -1.45 28.75
CA ALA B 104 0.62 -1.35 29.84
C ALA B 104 1.26 -1.73 31.19
N SER B 105 1.96 -2.86 31.21
CA SER B 105 2.62 -3.34 32.43
C SER B 105 3.68 -2.35 32.91
N SER B 106 4.40 -1.74 31.98
CA SER B 106 5.36 -0.66 32.32
C SER B 106 4.77 0.71 31.99
N GLY B 107 3.45 0.76 31.83
CA GLY B 107 2.78 1.93 31.31
C GLY B 107 3.04 2.10 29.82
N GLY B 108 3.94 3.03 29.48
CA GLY B 108 4.04 3.54 28.13
C GLY B 108 4.80 2.63 27.20
N TYR B 109 4.61 2.82 25.90
CA TYR B 109 5.45 2.20 24.89
C TYR B 109 6.80 2.89 24.81
N ALA B 110 7.81 2.14 24.42
CA ALA B 110 9.10 2.69 24.08
C ALA B 110 9.78 1.85 23.03
N LEU B 111 10.88 2.38 22.49
CA LEU B 111 11.70 1.68 21.52
C LEU B 111 12.97 1.21 22.21
N ASP B 112 13.37 -0.03 21.94
CA ASP B 112 14.63 -0.54 22.46
C ASP B 112 15.80 0.25 21.90
N SER B 113 15.74 0.55 20.61
CA SER B 113 16.69 1.44 19.98
C SER B 113 15.92 2.57 19.34
N GLN B 114 15.96 3.74 19.96
CA GLN B 114 15.32 4.90 19.39
C GLN B 114 16.35 5.70 18.60
N GLU B 115 16.17 5.74 17.29
CA GLU B 115 17.17 6.26 16.38
C GLU B 115 16.99 7.78 16.16
N VAL B 116 15.76 8.17 15.87
CA VAL B 116 15.42 9.57 15.57
C VAL B 116 14.03 9.84 16.10
N SER B 117 13.83 11.01 16.68
CA SER B 117 12.49 11.45 17.06
C SER B 117 12.23 12.89 16.70
N PHE B 118 10.99 13.17 16.37
CA PHE B 118 10.51 14.50 16.03
C PHE B 118 9.43 14.88 17.02
N SER B 119 9.66 15.92 17.81
CA SER B 119 8.67 16.32 18.82
CA SER B 119 8.72 16.31 18.86
C SER B 119 8.30 17.78 18.71
N ASN B 120 7.30 18.20 19.49
CA ASN B 120 6.72 19.52 19.36
CA ASN B 120 6.71 19.53 19.34
C ASN B 120 6.20 19.78 17.94
N LEU B 121 5.56 18.77 17.34
CA LEU B 121 5.11 18.86 15.97
C LEU B 121 3.96 19.83 15.82
N GLY B 122 3.16 19.95 16.88
CA GLY B 122 2.08 20.95 16.93
C GLY B 122 0.97 20.71 15.94
N LEU B 123 0.78 19.44 15.56
CA LEU B 123 -0.25 19.08 14.61
C LEU B 123 -1.53 18.77 15.33
N ASP B 124 -2.62 19.30 14.84
CA ASP B 124 -3.94 19.03 15.37
C ASP B 124 -4.91 18.87 14.22
N SER B 125 -5.41 17.66 14.03
CA SER B 125 -6.36 17.37 12.97
C SER B 125 -7.70 17.02 13.55
N PRO B 126 -8.74 17.82 13.23
CA PRO B 126 -10.08 17.56 13.70
C PRO B 126 -10.69 16.33 13.06
N ILE B 127 -11.61 15.69 13.75
CA ILE B 127 -12.24 14.53 13.21
C ILE B 127 -12.96 14.84 11.88
N ALA B 128 -13.42 16.09 11.72
CA ALA B 128 -14.22 16.48 10.53
C ALA B 128 -13.41 16.33 9.20
N GLN B 129 -12.08 16.35 9.30
CA GLN B 129 -11.22 16.24 8.09
C GLN B 129 -11.09 14.78 7.61
N GLY B 130 -11.55 13.84 8.43
CA GLY B 130 -11.45 12.43 8.09
C GLY B 130 -10.03 12.04 7.74
N ARG B 131 -9.87 11.19 6.73
CA ARG B 131 -8.58 10.65 6.37
C ARG B 131 -7.72 11.66 5.59
N ASP B 132 -8.28 12.83 5.31
CA ASP B 132 -7.52 13.90 4.70
C ASP B 132 -6.81 14.78 5.73
N GLY B 133 -7.06 14.52 7.01
CA GLY B 133 -6.33 15.19 8.05
C GLY B 133 -4.85 14.85 8.00
N THR B 134 -4.03 15.80 8.38
CA THR B 134 -2.60 15.63 8.32
C THR B 134 -2.12 14.50 9.26
N VAL B 135 -2.70 14.43 10.46
CA VAL B 135 -2.33 13.41 11.41
C VAL B 135 -2.55 11.99 10.81
N HIS B 136 -3.71 11.79 10.19
CA HIS B 136 -4.01 10.53 9.58
C HIS B 136 -3.02 10.21 8.46
N LYS B 137 -2.78 11.17 7.59
CA LYS B 137 -1.90 10.96 6.46
C LYS B 137 -0.48 10.63 6.92
N VAL B 138 -0.02 11.33 7.97
CA VAL B 138 1.31 11.11 8.47
C VAL B 138 1.46 9.67 8.99
N VAL B 139 0.54 9.25 9.85
CA VAL B 139 0.71 7.99 10.53
C VAL B 139 0.35 6.82 9.62
N TYR B 140 -0.76 6.91 8.88
CA TYR B 140 -1.11 5.85 7.95
C TYR B 140 -0.05 5.69 6.85
N GLY B 141 0.56 6.81 6.45
CA GLY B 141 1.72 6.77 5.55
C GLY B 141 2.83 5.88 6.08
N LEU B 142 3.22 6.10 7.33
CA LEU B 142 4.26 5.30 7.97
C LEU B 142 3.88 3.82 8.01
N MET B 143 2.60 3.54 8.28
CA MET B 143 2.11 2.17 8.38
C MET B 143 2.23 1.47 7.05
N SER B 144 2.10 2.25 5.96
CA SER B 144 1.90 1.67 4.63
CA SER B 144 1.90 1.71 4.61
C SER B 144 3.14 1.86 3.73
N GLY B 145 4.25 2.28 4.32
CA GLY B 145 5.55 2.30 3.61
C GLY B 145 5.78 3.57 2.83
N ASP B 146 5.12 4.64 3.23
CA ASP B 146 5.19 5.92 2.51
C ASP B 146 5.33 7.05 3.52
N SER B 147 6.54 7.49 3.75
CA SER B 147 6.80 8.52 4.75
C SER B 147 6.72 9.96 4.15
N SER B 148 6.11 10.10 2.97
CA SER B 148 6.02 11.42 2.27
CA SER B 148 6.08 11.40 2.29
C SER B 148 5.33 12.46 3.12
N ALA B 149 4.20 12.07 3.74
CA ALA B 149 3.42 13.01 4.52
C ALA B 149 4.20 13.50 5.75
N LEU B 150 4.84 12.58 6.48
CA LEU B 150 5.70 12.95 7.57
C LEU B 150 6.83 13.89 7.07
N GLN B 151 7.49 13.49 6.01
CA GLN B 151 8.59 14.30 5.42
C GLN B 151 8.12 15.72 5.12
N GLY B 152 6.96 15.83 4.50
CA GLY B 152 6.42 17.15 4.11
C GLY B 152 6.13 18.03 5.32
N GLN B 153 5.55 17.45 6.37
CA GLN B 153 5.24 18.19 7.58
CA GLN B 153 5.23 18.18 7.58
C GLN B 153 6.50 18.66 8.29
N ILE B 154 7.48 17.76 8.41
CA ILE B 154 8.73 18.12 9.03
C ILE B 154 9.38 19.25 8.24
N ASP B 155 9.38 19.13 6.93
CA ASP B 155 9.98 20.13 6.09
C ASP B 155 9.35 21.50 6.34
N ALA B 156 8.02 21.52 6.41
CA ALA B 156 7.28 22.79 6.65
C ALA B 156 7.59 23.37 8.03
N LEU B 157 7.69 22.50 9.03
CA LEU B 157 8.02 22.94 10.36
C LEU B 157 9.44 23.51 10.42
N LEU B 158 10.37 22.89 9.70
CA LEU B 158 11.75 23.36 9.68
C LEU B 158 11.86 24.71 8.98
N LYS B 159 11.13 24.86 7.89
CA LYS B 159 11.18 26.11 7.14
C LYS B 159 10.50 27.24 7.93
N ALA B 160 9.55 26.88 8.81
CA ALA B 160 8.93 27.85 9.72
C ALA B 160 9.96 28.47 10.68
N VAL B 161 10.98 27.69 11.03
CA VAL B 161 12.07 28.18 11.85
C VAL B 161 13.00 29.05 11.04
N ASP B 162 13.40 28.56 9.88
CA ASP B 162 14.17 29.34 8.93
C ASP B 162 14.06 28.73 7.56
N PRO B 163 13.88 29.57 6.53
CA PRO B 163 13.62 29.07 5.17
C PRO B 163 14.81 28.30 4.56
N SER B 164 15.99 28.38 5.19
CA SER B 164 17.16 27.67 4.72
C SER B 164 17.20 26.21 5.20
N LEU B 165 16.32 25.87 6.13
CA LEU B 165 16.30 24.52 6.70
C LEU B 165 15.36 23.62 5.93
N SER B 166 15.60 22.32 5.99
CA SER B 166 14.99 21.38 5.06
C SER B 166 15.09 19.98 5.59
N ILE B 167 14.24 19.07 5.09
CA ILE B 167 14.49 17.67 5.27
C ILE B 167 15.70 17.19 4.44
N ASN B 168 16.16 18.02 3.52
CA ASN B 168 17.45 17.77 2.83
C ASN B 168 18.64 18.32 3.62
N SER B 169 18.37 18.96 4.76
CA SER B 169 19.45 19.32 5.71
C SER B 169 19.96 18.09 6.41
N THR B 170 21.25 18.06 6.70
CA THR B 170 21.79 17.06 7.62
C THR B 170 21.26 17.30 9.02
N PHE B 171 21.16 16.24 9.80
CA PHE B 171 20.81 16.37 11.22
C PHE B 171 21.77 17.35 11.90
N ASP B 172 23.04 17.28 11.52
CA ASP B 172 24.09 18.15 12.08
C ASP B 172 23.78 19.66 11.85
N GLN B 173 23.36 20.00 10.63
CA GLN B 173 22.97 21.36 10.33
C GLN B 173 21.74 21.79 11.16
N LEU B 174 20.80 20.90 11.36
CA LEU B 174 19.64 21.20 12.14
C LEU B 174 20.01 21.40 13.62
N ALA B 175 21.04 20.68 14.08
CA ALA B 175 21.58 20.90 15.43
C ALA B 175 22.26 22.26 15.53
N ALA B 176 23.03 22.63 14.52
CA ALA B 176 23.67 23.96 14.48
C ALA B 176 22.62 25.09 14.51
N ALA B 177 21.46 24.82 13.91
CA ALA B 177 20.37 25.79 13.87
C ALA B 177 19.56 25.82 15.18
N GLY B 178 19.83 24.85 16.07
CA GLY B 178 19.21 24.83 17.39
C GLY B 178 17.90 24.04 17.44
N VAL B 179 17.60 23.31 16.38
CA VAL B 179 16.34 22.55 16.29
C VAL B 179 16.55 21.07 16.63
N ALA B 180 17.77 20.59 16.46
CA ALA B 180 18.07 19.19 16.67
C ALA B 180 19.13 18.99 17.72
N HIS B 181 19.16 17.80 18.28
CA HIS B 181 20.03 17.48 19.38
C HIS B 181 20.56 16.06 19.19
N ALA B 182 21.89 15.93 19.18
CA ALA B 182 22.53 14.64 18.99
C ALA B 182 22.53 13.83 20.27
N THR B 183 22.25 12.56 20.14
CA THR B 183 22.30 11.61 21.25
C THR B 183 23.35 10.52 20.94
N PRO B 184 23.74 9.73 21.95
CA PRO B 184 24.88 8.84 21.77
C PRO B 184 24.67 7.77 20.69
N ALA B 185 25.77 7.20 20.24
CA ALA B 185 25.75 6.24 19.13
C ALA B 185 24.79 5.07 19.42
N ALA B 186 24.23 4.52 18.35
CA ALA B 186 23.17 3.53 18.46
C ALA B 186 23.74 2.12 18.34
#